data_8RDC
#
_entry.id   8RDC
#
_cell.length_a   52.995
_cell.length_b   70.035
_cell.length_c   99.508
_cell.angle_alpha   90.00
_cell.angle_beta   90.00
_cell.angle_gamma   90.00
#
_symmetry.space_group_name_H-M   'P 21 21 21'
#
loop_
_entity.id
_entity.type
_entity.pdbx_description
1 polymer Galectin-1
2 non-polymer 5-bromanyl-3-[(2~{R},3~{R},4~{S},5~{R},6~{R})-4-[4-(4-chloranyl-1,3-thiazol-2-yl)-1,2,3-triazol-1-yl]-6-(hydroxymethyl)-3-methoxy-5-oxidanyl-oxan-2-yl]sulfanyl-pyridine-2-carbonitrile
3 non-polymer GLYCEROL
4 non-polymer 'SULFATE ION'
5 water water
#
_entity_poly.entity_id   1
_entity_poly.type   'polypeptide(L)'
_entity_poly.pdbx_seq_one_letter_code
;MACGLVASNLNLKPGE(CME)LRVRGEVAPDAKSFVLNLGKDSNNLCLHFNPRFNAHGDANTIVCNSKDGGAWGTEQREA
VFPFQPGSVAEV(CME)ITFDQANLTVKLPDGYEFKFPNRLNLEAINYMAADGDFKIK(CME)VAFD
;
_entity_poly.pdbx_strand_id   A,B
#
loop_
_chem_comp.id
_chem_comp.type
_chem_comp.name
_chem_comp.formula
GOL non-polymer GLYCEROL 'C3 H8 O3'
SO4 non-polymer 'SULFATE ION' 'O4 S -2'
YNO non-polymer 5-bromanyl-3-[(2~{R},3~{R},4~{S},5~{R},6~{R})-4-[4-(4-chloranyl-1,3-thiazol-2-yl)-1,2,3-triazol-1-yl]-6-(hydroxymethyl)-3-methoxy-5-oxidanyl-oxan-2-yl]sulfanyl-pyridine-2-carbonitrile 'C18 H16 Br Cl N6 O4 S2'
#
# COMPACT_ATOMS: atom_id res chain seq x y z
N ALA A 2 -0.22 14.50 -5.22
CA ALA A 2 0.05 13.22 -4.49
C ALA A 2 1.45 12.71 -4.87
N CYS A 3 2.48 13.06 -4.09
CA CYS A 3 3.91 12.77 -4.36
C CYS A 3 4.40 11.61 -3.49
N GLY A 4 3.67 11.28 -2.42
CA GLY A 4 3.93 10.11 -1.56
C GLY A 4 3.18 8.90 -2.08
N LEU A 5 3.23 7.78 -1.36
CA LEU A 5 2.53 6.53 -1.74
C LEU A 5 1.08 6.82 -2.11
N VAL A 6 0.60 6.22 -3.20
CA VAL A 6 -0.84 6.24 -3.58
C VAL A 6 -1.25 4.77 -3.75
N ALA A 7 -2.31 4.33 -3.10
CA ALA A 7 -2.84 2.97 -3.35
C ALA A 7 -4.29 3.07 -3.83
N SER A 8 -4.67 2.25 -4.80
CA SER A 8 -6.05 2.23 -5.29
C SER A 8 -6.57 0.78 -5.37
N ASN A 9 -7.87 0.62 -5.57
CA ASN A 9 -8.58 -0.68 -5.49
C ASN A 9 -8.48 -1.29 -4.09
N LEU A 10 -8.52 -0.49 -3.04
CA LEU A 10 -8.42 -0.97 -1.63
C LEU A 10 -9.61 -1.84 -1.20
N ASN A 11 -10.81 -1.55 -1.69
CA ASN A 11 -12.08 -2.18 -1.24
C ASN A 11 -12.13 -2.37 0.29
N LEU A 12 -11.83 -1.32 1.06
CA LEU A 12 -11.96 -1.36 2.54
C LEU A 12 -13.43 -1.18 2.92
N LYS A 13 -13.99 -2.12 3.65
CA LYS A 13 -15.44 -2.16 3.95
C LYS A 13 -15.67 -1.65 5.37
N PRO A 14 -16.93 -1.27 5.70
CA PRO A 14 -17.29 -0.84 7.06
C PRO A 14 -16.82 -1.88 8.08
N GLY A 15 -16.22 -1.41 9.17
CA GLY A 15 -15.72 -2.24 10.28
C GLY A 15 -14.33 -2.79 10.04
N GLU A 16 -13.79 -2.73 8.82
CA GLU A 16 -12.42 -3.22 8.56
C GLU A 16 -11.43 -2.15 8.97
N CME A 17 -10.25 -2.58 9.42
CA CME A 17 -9.25 -1.68 9.98
CB CME A 17 -8.72 -2.26 11.26
SG CME A 17 -7.60 -1.11 12.11
SD CME A 17 -8.86 0.29 12.88
CE CME A 17 -9.27 -0.39 14.53
CZ CME A 17 -8.10 -0.53 15.45
OH CME A 17 -8.50 -0.57 16.79
C CME A 17 -8.14 -1.43 8.96
O CME A 17 -7.54 -2.37 8.43
N LEU A 18 -7.86 -0.16 8.71
CA LEU A 18 -6.68 0.23 7.97
C LEU A 18 -5.62 0.70 8.97
N ARG A 19 -4.44 0.11 8.91
CA ARG A 19 -3.32 0.48 9.81
CA ARG A 19 -3.32 0.48 9.80
C ARG A 19 -2.17 1.03 8.97
N VAL A 20 -1.68 2.19 9.35
CA VAL A 20 -0.56 2.83 8.65
C VAL A 20 0.53 3.15 9.68
N ARG A 21 1.73 2.63 9.47
CA ARG A 21 2.89 2.96 10.32
CA ARG A 21 2.89 2.97 10.33
C ARG A 21 3.91 3.74 9.49
N GLY A 22 4.40 4.84 10.06
CA GLY A 22 5.49 5.56 9.42
C GLY A 22 6.38 6.27 10.41
N GLU A 23 7.38 6.95 9.91
CA GLU A 23 8.35 7.68 10.74
CA GLU A 23 8.38 7.68 10.73
C GLU A 23 8.19 9.16 10.42
N VAL A 24 7.86 9.95 11.43
CA VAL A 24 7.77 11.42 11.30
C VAL A 24 9.19 11.98 11.08
N ALA A 25 9.37 12.85 10.07
CA ALA A 25 10.69 13.45 9.76
C ALA A 25 11.17 14.22 10.99
N PRO A 26 12.49 14.25 11.24
CA PRO A 26 13.02 15.01 12.37
C PRO A 26 12.72 16.52 12.36
N ASP A 27 12.46 17.07 11.17
CA ASP A 27 12.16 18.50 10.99
C ASP A 27 10.74 18.67 10.49
N ALA A 28 9.84 17.73 10.79
CA ALA A 28 8.50 17.70 10.19
C ALA A 28 7.76 19.04 10.38
N LYS A 29 7.10 19.49 9.32
CA LYS A 29 6.14 20.62 9.36
C LYS A 29 4.71 20.06 9.39
N SER A 30 4.42 19.06 8.56
CA SER A 30 3.05 18.49 8.46
C SER A 30 3.12 17.19 7.68
N PHE A 31 2.07 16.39 7.79
CA PHE A 31 1.93 15.22 6.90
C PHE A 31 0.46 14.95 6.67
N VAL A 32 0.18 14.10 5.68
CA VAL A 32 -1.20 13.86 5.22
C VAL A 32 -1.40 12.37 5.01
N LEU A 33 -2.55 11.87 5.45
CA LEU A 33 -3.14 10.61 4.97
C LEU A 33 -4.51 10.92 4.38
N ASN A 34 -4.71 10.57 3.11
CA ASN A 34 -6.00 10.77 2.42
C ASN A 34 -6.68 9.43 2.20
N LEU A 35 -7.96 9.35 2.46
CA LEU A 35 -8.78 8.16 2.20
C LEU A 35 -10.04 8.56 1.44
N GLY A 36 -10.46 7.75 0.46
CA GLY A 36 -11.76 8.00 -0.17
C GLY A 36 -11.95 7.17 -1.40
N LYS A 37 -12.62 7.75 -2.40
CA LYS A 37 -12.93 7.09 -3.69
C LYS A 37 -11.79 7.35 -4.67
N ASP A 38 -11.26 8.57 -4.69
CA ASP A 38 -10.18 9.02 -5.62
C ASP A 38 -9.64 10.34 -5.06
N SER A 39 -8.66 10.94 -5.73
CA SER A 39 -7.95 12.15 -5.23
C SER A 39 -8.91 13.33 -5.04
N ASN A 40 -10.05 13.36 -5.73
CA ASN A 40 -10.99 14.50 -5.70
C ASN A 40 -12.15 14.21 -4.75
N ASN A 41 -12.24 13.01 -4.20
CA ASN A 41 -13.42 12.58 -3.40
C ASN A 41 -12.89 11.83 -2.17
N LEU A 42 -12.61 12.58 -1.09
CA LEU A 42 -11.95 12.06 0.10
C LEU A 42 -12.95 12.08 1.26
N CYS A 43 -13.20 10.91 1.86
CA CYS A 43 -14.01 10.88 3.11
C CYS A 43 -13.13 11.35 4.27
N LEU A 44 -11.81 11.25 4.14
CA LEU A 44 -10.91 11.75 5.19
C LEU A 44 -9.60 12.25 4.61
N HIS A 45 -9.34 13.53 4.85
CA HIS A 45 -8.01 14.14 4.72
C HIS A 45 -7.54 14.33 6.16
N PHE A 46 -6.54 13.59 6.56
CA PHE A 46 -6.01 13.54 7.94
C PHE A 46 -4.65 14.25 7.94
N ASN A 47 -4.60 15.44 8.55
CA ASN A 47 -3.48 16.40 8.35
C ASN A 47 -2.91 16.89 9.68
N PRO A 48 -2.06 16.10 10.36
CA PRO A 48 -1.29 16.61 11.50
C PRO A 48 -0.35 17.74 11.08
N ARG A 49 -0.50 18.90 11.74
CA ARG A 49 0.30 20.11 11.46
C ARG A 49 1.19 20.39 12.68
N PHE A 50 2.48 20.15 12.54
CA PHE A 50 3.47 20.54 13.58
C PHE A 50 3.60 22.06 13.60
N ASN A 51 3.84 22.60 12.41
CA ASN A 51 3.92 24.07 12.21
C ASN A 51 3.64 24.31 10.73
N ALA A 52 2.38 24.51 10.36
CA ALA A 52 2.00 24.64 8.94
C ALA A 52 0.66 25.34 8.84
N HIS A 53 0.54 26.23 7.85
CA HIS A 53 -0.75 26.85 7.44
C HIS A 53 -1.33 27.65 8.62
N GLY A 54 -0.48 28.07 9.58
CA GLY A 54 -0.91 28.87 10.75
C GLY A 54 -1.38 28.03 11.93
N ASP A 55 -1.27 26.71 11.85
CA ASP A 55 -1.56 25.80 12.97
C ASP A 55 -0.23 25.32 13.58
N ALA A 56 -0.19 25.19 14.90
CA ALA A 56 0.93 24.56 15.62
C ALA A 56 0.38 23.36 16.39
N ASN A 57 1.04 22.21 16.26
CA ASN A 57 0.70 20.95 16.98
C ASN A 57 -0.82 20.75 16.99
N THR A 58 -1.45 20.76 15.80
CA THR A 58 -2.91 20.60 15.64
C THR A 58 -3.16 19.58 14.55
N ILE A 59 -4.08 18.64 14.78
CA ILE A 59 -4.60 17.75 13.71
C ILE A 59 -5.77 18.46 13.05
N VAL A 60 -5.68 18.70 11.74
CA VAL A 60 -6.80 19.21 10.92
C VAL A 60 -7.31 18.05 10.08
N CYS A 61 -8.61 17.77 10.14
CA CYS A 61 -9.26 16.79 9.25
C CYS A 61 -10.27 17.53 8.38
N ASN A 62 -10.47 17.01 7.18
CA ASN A 62 -11.51 17.54 6.28
C ASN A 62 -11.93 16.45 5.33
N SER A 63 -12.99 16.74 4.57
CA SER A 63 -13.45 15.94 3.43
C SER A 63 -13.18 16.73 2.15
N LYS A 64 -13.29 16.06 1.02
CA LYS A 64 -13.18 16.71 -0.30
C LYS A 64 -14.23 16.05 -1.19
N ASP A 65 -15.10 16.85 -1.78
CA ASP A 65 -16.25 16.30 -2.54
C ASP A 65 -16.23 16.99 -3.90
N GLY A 66 -15.94 16.23 -4.97
CA GLY A 66 -15.82 16.77 -6.33
C GLY A 66 -14.77 17.87 -6.38
N GLY A 67 -13.69 17.73 -5.60
CA GLY A 67 -12.56 18.66 -5.58
C GLY A 67 -12.72 19.79 -4.59
N ALA A 68 -13.86 19.92 -3.93
CA ALA A 68 -14.14 21.02 -2.98
C ALA A 68 -13.90 20.57 -1.54
N TRP A 69 -13.08 21.29 -0.80
CA TRP A 69 -12.92 21.05 0.65
C TRP A 69 -14.24 21.27 1.41
N GLY A 70 -14.50 20.41 2.39
CA GLY A 70 -15.59 20.62 3.36
C GLY A 70 -15.19 21.55 4.49
N THR A 71 -15.90 21.46 5.61
CA THR A 71 -15.56 22.24 6.82
CA THR A 71 -15.55 22.25 6.82
C THR A 71 -14.46 21.52 7.63
N GLU A 72 -13.44 22.27 8.03
CA GLU A 72 -12.35 21.70 8.86
C GLU A 72 -12.83 21.31 10.25
N GLN A 73 -12.25 20.23 10.76
CA GLN A 73 -12.41 19.77 12.14
C GLN A 73 -11.03 19.74 12.78
N ARG A 74 -10.85 20.35 13.94
CA ARG A 74 -9.54 20.34 14.64
C ARG A 74 -9.62 19.55 15.93
N GLU A 75 -8.58 18.79 16.26
CA GLU A 75 -8.57 17.93 17.48
C GLU A 75 -7.88 18.61 18.68
N ALA A 76 -8.08 18.08 19.89
CA ALA A 76 -7.62 18.66 21.16
C ALA A 76 -6.24 18.08 21.53
N VAL A 77 -5.71 17.13 20.74
CA VAL A 77 -4.57 16.28 21.17
C VAL A 77 -3.61 16.20 19.99
N PHE A 78 -2.33 16.03 20.27
CA PHE A 78 -1.30 15.96 19.21
C PHE A 78 -0.23 14.97 19.62
N PRO A 79 -0.55 13.65 19.54
CA PRO A 79 0.37 12.61 19.99
C PRO A 79 1.32 12.20 18.87
N PHE A 80 2.05 13.16 18.34
CA PHE A 80 3.13 12.99 17.34
C PHE A 80 4.34 13.80 17.80
N GLN A 81 5.51 13.34 17.41
CA GLN A 81 6.81 13.92 17.81
C GLN A 81 7.71 13.86 16.57
N PRO A 82 8.36 14.97 16.21
CA PRO A 82 9.36 14.93 15.15
C PRO A 82 10.38 13.81 15.43
N GLY A 83 10.67 13.03 14.38
CA GLY A 83 11.62 11.92 14.44
C GLY A 83 10.97 10.58 14.81
N SER A 84 9.83 10.57 15.49
CA SER A 84 9.29 9.34 16.13
C SER A 84 8.45 8.53 15.13
N VAL A 85 8.58 7.21 15.20
CA VAL A 85 7.60 6.27 14.60
C VAL A 85 6.20 6.53 15.15
N ALA A 86 5.19 6.44 14.28
CA ALA A 86 3.79 6.58 14.67
C ALA A 86 2.93 5.65 13.84
N GLU A 87 1.95 5.04 14.49
CA GLU A 87 0.94 4.21 13.82
CA GLU A 87 0.93 4.20 13.83
C GLU A 87 -0.43 4.86 14.00
N VAL A 88 -1.25 4.84 12.94
CA VAL A 88 -2.63 5.40 12.93
C VAL A 88 -3.52 4.29 12.39
N CME A 89 -4.69 4.10 13.02
CA CME A 89 -5.62 3.05 12.63
CB CME A 89 -5.79 2.08 13.71
SG CME A 89 -4.33 1.10 14.05
SD CME A 89 -4.36 1.09 16.11
CE CME A 89 -2.71 1.75 16.51
CZ CME A 89 -2.79 3.22 16.50
OH CME A 89 -1.74 3.77 17.22
C CME A 89 -6.95 3.72 12.30
O CME A 89 -7.42 4.55 13.08
N ILE A 90 -7.54 3.36 11.17
CA ILE A 90 -8.77 4.00 10.76
C ILE A 90 -9.82 2.93 10.44
N THR A 91 -11.02 3.10 10.93
CA THR A 91 -12.19 2.28 10.52
C THR A 91 -13.35 3.21 10.20
N PHE A 92 -14.42 2.70 9.62
CA PHE A 92 -15.61 3.55 9.40
C PHE A 92 -16.89 2.72 9.45
N ASP A 93 -17.97 3.43 9.71
CA ASP A 93 -19.34 2.92 9.50
C ASP A 93 -20.13 3.99 8.76
N GLN A 94 -21.44 3.83 8.68
CA GLN A 94 -22.32 4.76 7.94
C GLN A 94 -22.25 6.18 8.53
N ALA A 95 -21.98 6.31 9.83
CA ALA A 95 -22.10 7.61 10.55
C ALA A 95 -20.76 8.34 10.61
N ASN A 96 -19.64 7.62 10.82
CA ASN A 96 -18.35 8.29 11.12
C ASN A 96 -17.19 7.42 10.63
N LEU A 97 -16.04 8.06 10.44
CA LEU A 97 -14.76 7.37 10.56
C LEU A 97 -14.27 7.48 12.00
N THR A 98 -13.66 6.42 12.50
CA THR A 98 -12.98 6.43 13.81
C THR A 98 -11.49 6.37 13.55
N VAL A 99 -10.75 7.34 14.12
CA VAL A 99 -9.28 7.43 13.96
C VAL A 99 -8.65 7.17 15.32
N LYS A 100 -7.80 6.16 15.40
CA LYS A 100 -7.06 5.81 16.62
C LYS A 100 -5.62 6.28 16.42
N LEU A 101 -5.13 7.12 17.32
CA LEU A 101 -3.83 7.80 17.24
C LEU A 101 -2.77 7.06 18.06
N PRO A 102 -1.50 7.45 17.91
CA PRO A 102 -0.37 6.67 18.46
C PRO A 102 -0.37 6.48 19.97
N ASP A 103 -1.06 7.34 20.73
CA ASP A 103 -1.18 7.17 22.19
C ASP A 103 -2.48 6.41 22.53
N GLY A 104 -3.18 5.87 21.54
CA GLY A 104 -4.46 5.18 21.74
C GLY A 104 -5.67 6.11 21.79
N TYR A 105 -5.49 7.44 21.77
CA TYR A 105 -6.63 8.40 21.71
C TYR A 105 -7.42 8.14 20.44
N GLU A 106 -8.75 8.14 20.54
CA GLU A 106 -9.67 7.89 19.41
C GLU A 106 -10.56 9.13 19.23
N PHE A 107 -10.80 9.53 17.99
CA PHE A 107 -11.79 10.59 17.67
C PHE A 107 -12.57 10.17 16.44
N LYS A 108 -13.74 10.75 16.29
CA LYS A 108 -14.59 10.46 15.13
C LYS A 108 -14.66 11.67 14.23
N PHE A 109 -14.75 11.40 12.94
CA PHE A 109 -14.91 12.40 11.87
C PHE A 109 -16.16 11.97 11.11
N PRO A 110 -17.12 12.87 10.89
CA PRO A 110 -18.39 12.45 10.32
C PRO A 110 -18.26 11.94 8.88
N ASN A 111 -19.02 10.90 8.52
N ASN A 111 -19.15 11.00 8.58
CA ASN A 111 -18.98 10.26 7.17
CA ASN A 111 -19.66 10.69 7.22
C ASN A 111 -19.85 11.11 6.24
C ASN A 111 -20.05 11.99 6.52
N ARG A 112 -19.26 12.10 5.57
N ARG A 112 -19.46 12.25 5.38
CA ARG A 112 -19.99 13.12 4.76
CA ARG A 112 -19.94 13.36 4.55
C ARG A 112 -20.41 12.58 3.38
C ARG A 112 -20.19 12.89 3.13
N LEU A 113 -19.59 11.77 2.72
CA LEU A 113 -19.71 11.33 1.30
C LEU A 113 -20.59 10.07 1.16
N ASN A 114 -20.92 9.39 2.26
CA ASN A 114 -21.71 8.12 2.22
C ASN A 114 -21.04 7.08 1.29
N LEU A 115 -19.72 6.90 1.36
CA LEU A 115 -19.05 5.87 0.51
C LEU A 115 -19.43 4.48 1.04
N GLU A 116 -19.64 3.51 0.14
CA GLU A 116 -19.93 2.09 0.51
C GLU A 116 -18.62 1.41 0.92
N ALA A 117 -17.50 1.89 0.38
CA ALA A 117 -16.16 1.32 0.60
C ALA A 117 -15.12 2.40 0.38
N ILE A 118 -13.96 2.24 0.96
CA ILE A 118 -12.82 3.15 0.70
C ILE A 118 -11.92 2.47 -0.33
N ASN A 119 -11.74 3.07 -1.50
CA ASN A 119 -10.92 2.43 -2.56
C ASN A 119 -9.58 3.10 -2.77
N TYR A 120 -9.36 4.26 -2.17
CA TYR A 120 -8.18 5.10 -2.45
C TYR A 120 -7.54 5.54 -1.15
N MET A 121 -6.21 5.44 -1.08
CA MET A 121 -5.40 5.97 0.04
CA MET A 121 -5.42 5.98 0.04
C MET A 121 -4.18 6.66 -0.53
N ALA A 122 -3.76 7.77 0.08
CA ALA A 122 -2.53 8.44 -0.39
C ALA A 122 -1.85 9.05 0.82
N ALA A 123 -0.53 9.04 0.81
CA ALA A 123 0.27 9.64 1.91
C ALA A 123 1.07 10.79 1.31
N ASP A 124 1.29 11.85 2.07
CA ASP A 124 2.11 12.98 1.57
C ASP A 124 2.76 13.68 2.76
N GLY A 125 3.77 14.49 2.48
CA GLY A 125 4.40 15.32 3.52
C GLY A 125 5.44 14.55 4.31
N ASP A 126 5.65 14.99 5.55
CA ASP A 126 6.91 14.74 6.31
C ASP A 126 6.77 13.45 7.15
N PHE A 127 6.42 12.36 6.48
CA PHE A 127 6.10 11.06 7.12
C PHE A 127 6.50 9.96 6.13
N LYS A 128 7.45 9.11 6.49
CA LYS A 128 7.91 8.01 5.61
C LYS A 128 7.14 6.74 6.00
N ILE A 129 6.38 6.20 5.06
CA ILE A 129 5.54 5.01 5.31
C ILE A 129 6.46 3.80 5.47
N LYS A 130 6.28 3.05 6.55
CA LYS A 130 7.00 1.78 6.83
C LYS A 130 6.11 0.59 6.51
N CME A 131 4.81 0.67 6.77
N CME A 131 4.81 0.66 6.82
CA CME A 131 3.94 -0.44 6.40
CA CME A 131 3.90 -0.45 6.51
CB CME A 131 4.18 -1.67 7.24
CB CME A 131 3.99 -1.60 7.49
SG CME A 131 4.11 -1.41 9.02
SG CME A 131 3.44 -1.28 9.19
SD CME A 131 2.08 -1.31 9.30
SD CME A 131 1.35 -1.18 9.23
CE CME A 131 1.66 -2.98 9.87
CE CME A 131 0.86 -1.91 10.83
CZ CME A 131 1.46 -2.97 11.37
CZ CME A 131 0.87 -3.42 10.85
OH CME A 131 1.87 -4.18 11.99
OH CME A 131 0.52 -3.95 12.13
C CME A 131 2.49 0.03 6.40
C CME A 131 2.48 0.05 6.40
O CME A 131 2.13 1.02 7.03
O CME A 131 2.11 1.06 7.00
N VAL A 132 1.67 -0.74 5.68
CA VAL A 132 0.24 -0.56 5.63
C VAL A 132 -0.41 -1.94 5.75
N ALA A 133 -1.41 -2.09 6.61
CA ALA A 133 -2.16 -3.35 6.76
C ALA A 133 -3.65 -3.09 6.52
N PHE A 134 -4.28 -4.03 5.84
CA PHE A 134 -5.68 -3.93 5.35
C PHE A 134 -6.49 -5.04 6.00
N ASP A 135 -7.17 -4.67 7.07
CA ASP A 135 -7.85 -5.60 7.99
C ASP A 135 -6.95 -6.80 8.28
N ALA B 2 -5.80 -4.74 -13.02
CA ALA B 2 -5.67 -5.34 -11.66
C ALA B 2 -6.94 -5.03 -10.86
N CYS B 3 -7.84 -5.99 -10.70
CA CYS B 3 -8.93 -5.93 -9.67
C CYS B 3 -8.29 -5.79 -8.28
N GLY B 4 -7.00 -6.13 -8.16
CA GLY B 4 -6.27 -6.14 -6.89
C GLY B 4 -5.63 -4.79 -6.63
N LEU B 5 -5.00 -4.68 -5.49
CA LEU B 5 -4.36 -3.43 -5.06
C LEU B 5 -3.39 -2.93 -6.15
N VAL B 6 -3.38 -1.61 -6.37
CA VAL B 6 -2.37 -0.94 -7.22
C VAL B 6 -1.72 0.16 -6.39
N ALA B 7 -0.41 0.17 -6.30
CA ALA B 7 0.29 1.24 -5.56
C ALA B 7 1.25 1.94 -6.50
N SER B 8 1.35 3.25 -6.36
CA SER B 8 2.33 4.03 -7.14
C SER B 8 3.11 4.97 -6.20
N ASN B 9 4.17 5.55 -6.72
CA ASN B 9 5.13 6.35 -5.93
C ASN B 9 5.76 5.52 -4.80
N LEU B 10 6.03 4.23 -5.02
CA LEU B 10 6.67 3.34 -4.01
C LEU B 10 8.07 3.80 -3.61
N ASN B 11 8.82 4.38 -4.55
CA ASN B 11 10.23 4.82 -4.35
C ASN B 11 11.03 3.74 -3.62
N LEU B 12 10.94 2.47 -4.04
CA LEU B 12 11.76 1.39 -3.44
C LEU B 12 13.15 1.45 -4.09
N LYS B 13 14.20 1.55 -3.28
CA LYS B 13 15.58 1.76 -3.79
C LYS B 13 16.35 0.45 -3.70
N PRO B 14 17.47 0.33 -4.45
CA PRO B 14 18.29 -0.88 -4.41
C PRO B 14 18.67 -1.23 -2.96
N GLY B 15 18.55 -2.51 -2.61
CA GLY B 15 18.90 -3.03 -1.27
C GLY B 15 17.76 -2.94 -0.28
N GLU B 16 16.68 -2.19 -0.56
CA GLU B 16 15.53 -2.08 0.37
C GLU B 16 14.65 -3.30 0.15
N CME B 17 13.99 -3.76 1.21
CA CME B 17 13.17 -4.96 1.16
CB CME B 17 13.48 -5.86 2.33
SG CME B 17 12.66 -7.48 2.24
SD CME B 17 13.67 -8.47 0.80
CE CME B 17 15.02 -9.29 1.70
CZ CME B 17 14.48 -10.46 2.48
OH CME B 17 15.52 -11.03 3.25
C CME B 17 11.69 -4.59 1.10
O CME B 17 11.19 -3.88 1.97
N LEU B 18 11.00 -5.11 0.08
CA LEU B 18 9.55 -5.04 0.02
C LEU B 18 8.97 -6.36 0.51
N ARG B 19 8.10 -6.32 1.50
CA ARG B 19 7.43 -7.53 2.03
C ARG B 19 5.95 -7.41 1.73
N VAL B 20 5.42 -8.42 1.06
CA VAL B 20 3.99 -8.43 0.67
C VAL B 20 3.37 -9.69 1.22
N ARG B 21 2.38 -9.54 2.10
CA ARG B 21 1.65 -10.68 2.68
CA ARG B 21 1.64 -10.68 2.68
C ARG B 21 0.20 -10.64 2.19
N GLY B 22 -0.32 -11.79 1.78
CA GLY B 22 -1.71 -11.85 1.30
C GLY B 22 -2.32 -13.22 1.48
N GLU B 23 -3.60 -13.32 1.14
CA GLU B 23 -4.40 -14.55 1.24
C GLU B 23 -4.57 -15.14 -0.16
N VAL B 24 -4.12 -16.37 -0.32
CA VAL B 24 -4.34 -17.17 -1.56
C VAL B 24 -5.75 -17.74 -1.49
N ALA B 25 -6.55 -17.50 -2.54
CA ALA B 25 -7.97 -17.89 -2.58
C ALA B 25 -8.09 -19.40 -2.45
N PRO B 26 -9.14 -19.90 -1.77
CA PRO B 26 -9.34 -21.34 -1.57
C PRO B 26 -9.29 -22.23 -2.82
N ASP B 27 -9.64 -21.67 -3.97
CA ASP B 27 -9.77 -22.44 -5.24
C ASP B 27 -8.76 -21.90 -6.25
N ALA B 28 -7.64 -21.35 -5.77
CA ALA B 28 -6.72 -20.52 -6.57
C ALA B 28 -6.29 -21.25 -7.84
N LYS B 29 -6.33 -20.54 -8.97
CA LYS B 29 -5.77 -20.99 -10.26
C LYS B 29 -4.41 -20.33 -10.48
N SER B 30 -4.29 -19.06 -10.18
CA SER B 30 -3.01 -18.31 -10.37
C SER B 30 -3.16 -16.94 -9.73
N PHE B 31 -2.03 -16.31 -9.46
CA PHE B 31 -2.04 -14.92 -8.98
C PHE B 31 -0.79 -14.22 -9.47
N VAL B 32 -0.84 -12.90 -9.35
CA VAL B 32 0.21 -12.03 -9.95
C VAL B 32 0.59 -10.99 -8.90
N LEU B 33 1.89 -10.77 -8.79
CA LEU B 33 2.46 -9.52 -8.24
CA LEU B 33 2.43 -9.51 -8.25
C LEU B 33 3.32 -8.87 -9.32
N ASN B 34 3.02 -7.62 -9.67
CA ASN B 34 3.79 -6.84 -10.65
C ASN B 34 4.59 -5.76 -9.91
N LEU B 35 5.84 -5.60 -10.30
CA LEU B 35 6.70 -4.48 -9.82
C LEU B 35 7.33 -3.80 -11.03
N GLY B 36 7.42 -2.48 -11.02
CA GLY B 36 8.24 -1.79 -12.01
C GLY B 36 8.07 -0.30 -11.96
N LYS B 37 8.10 0.32 -13.14
CA LYS B 37 7.97 1.78 -13.31
C LYS B 37 6.49 2.15 -13.45
N ASP B 38 5.73 1.35 -14.19
CA ASP B 38 4.29 1.54 -14.48
C ASP B 38 3.76 0.24 -15.07
N SER B 39 2.47 0.15 -15.39
CA SER B 39 1.82 -1.11 -15.84
C SER B 39 2.46 -1.65 -17.12
N ASN B 40 3.14 -0.82 -17.92
CA ASN B 40 3.71 -1.25 -19.23
C ASN B 40 5.20 -1.56 -19.11
N ASN B 41 5.79 -1.30 -17.95
CA ASN B 41 7.26 -1.38 -17.77
C ASN B 41 7.52 -2.05 -16.42
N LEU B 42 7.60 -3.37 -16.43
CA LEU B 42 7.67 -4.18 -15.21
C LEU B 42 9.05 -4.83 -15.15
N CYS B 43 9.78 -4.59 -14.06
CA CYS B 43 11.03 -5.34 -13.80
C CYS B 43 10.69 -6.75 -13.31
N LEU B 44 9.52 -6.96 -12.72
CA LEU B 44 9.10 -8.31 -12.29
C LEU B 44 7.61 -8.50 -12.36
N HIS B 45 7.21 -9.43 -13.21
CA HIS B 45 5.86 -10.03 -13.19
C HIS B 45 6.04 -11.39 -12.54
N PHE B 46 5.51 -11.53 -11.33
CA PHE B 46 5.66 -12.72 -10.47
C PHE B 46 4.35 -13.47 -10.49
N ASN B 47 4.31 -14.64 -11.18
CA ASN B 47 3.03 -15.28 -11.55
C ASN B 47 3.02 -16.75 -11.13
N PRO B 48 2.78 -17.07 -9.83
CA PRO B 48 2.51 -18.45 -9.44
C PRO B 48 1.25 -18.99 -10.12
N ARG B 49 1.41 -20.10 -10.84
CA ARG B 49 0.32 -20.78 -11.57
C ARG B 49 0.06 -22.13 -10.89
N PHE B 50 -1.06 -22.25 -10.18
CA PHE B 50 -1.53 -23.54 -9.61
C PHE B 50 -1.96 -24.43 -10.79
N ASN B 51 -2.81 -23.88 -11.64
CA ASN B 51 -3.27 -24.56 -12.89
C ASN B 51 -3.76 -23.48 -13.84
N ALA B 52 -2.90 -23.01 -14.75
CA ALA B 52 -3.26 -21.87 -15.62
C ALA B 52 -2.30 -21.84 -16.81
N HIS B 53 -2.84 -21.57 -17.99
CA HIS B 53 -2.06 -21.24 -19.21
C HIS B 53 -1.17 -22.43 -19.59
N GLY B 54 -1.51 -23.65 -19.16
CA GLY B 54 -0.75 -24.87 -19.45
C GLY B 54 0.34 -25.19 -18.43
N ASP B 55 0.46 -24.40 -17.36
CA ASP B 55 1.42 -24.66 -16.26
C ASP B 55 0.65 -25.19 -15.05
N ALA B 56 1.21 -26.16 -14.35
CA ALA B 56 0.70 -26.68 -13.07
C ALA B 56 1.77 -26.49 -12.00
N ASN B 57 1.40 -25.91 -10.85
CA ASN B 57 2.27 -25.67 -9.67
C ASN B 57 3.65 -25.16 -10.13
N THR B 58 3.67 -24.09 -10.92
CA THR B 58 4.92 -23.51 -11.48
C THR B 58 4.86 -21.99 -11.26
N ILE B 59 5.96 -21.42 -10.77
CA ILE B 59 6.13 -19.94 -10.75
C ILE B 59 6.68 -19.52 -12.11
N VAL B 60 5.97 -18.65 -12.82
CA VAL B 60 6.44 -17.99 -14.06
C VAL B 60 6.77 -16.55 -13.71
N CYS B 61 8.00 -16.12 -14.00
CA CYS B 61 8.41 -14.70 -13.89
C CYS B 61 8.74 -14.17 -15.27
N ASN B 62 8.48 -12.90 -15.47
CA ASN B 62 8.86 -12.23 -16.72
C ASN B 62 9.07 -10.76 -16.45
N SER B 63 9.60 -10.10 -17.46
CA SER B 63 9.71 -8.63 -17.54
C SER B 63 8.73 -8.13 -18.60
N LYS B 64 8.40 -6.84 -18.54
CA LYS B 64 7.62 -6.19 -19.60
C LYS B 64 8.27 -4.87 -19.93
N ASP B 65 8.59 -4.64 -21.19
CA ASP B 65 9.35 -3.44 -21.61
C ASP B 65 8.55 -2.75 -22.71
N GLY B 66 8.00 -1.57 -22.43
CA GLY B 66 7.14 -0.85 -23.38
C GLY B 66 5.99 -1.73 -23.87
N GLY B 67 5.43 -2.52 -22.96
CA GLY B 67 4.27 -3.37 -23.21
C GLY B 67 4.63 -4.77 -23.70
N ALA B 68 5.90 -5.05 -24.04
CA ALA B 68 6.34 -6.36 -24.61
C ALA B 68 6.82 -7.28 -23.49
N TRP B 69 6.21 -8.46 -23.39
CA TRP B 69 6.72 -9.54 -22.51
C TRP B 69 8.12 -9.95 -22.93
N GLY B 70 8.99 -10.18 -21.96
CA GLY B 70 10.36 -10.68 -22.20
C GLY B 70 10.37 -12.19 -22.29
N THR B 71 11.54 -12.80 -22.07
CA THR B 71 11.67 -14.28 -22.00
C THR B 71 11.24 -14.77 -20.61
N GLU B 72 10.33 -15.73 -20.58
CA GLU B 72 9.82 -16.29 -19.30
C GLU B 72 10.94 -17.06 -18.59
N GLN B 73 10.93 -17.01 -17.26
CA GLN B 73 11.74 -17.86 -16.38
C GLN B 73 10.79 -18.68 -15.52
N ARG B 74 11.02 -19.99 -15.40
CA ARG B 74 10.20 -20.87 -14.53
C ARG B 74 11.05 -21.38 -13.37
N GLU B 75 10.46 -21.49 -12.17
CA GLU B 75 11.17 -22.02 -10.97
C GLU B 75 10.89 -23.53 -10.81
N ALA B 76 11.70 -24.20 -10.02
CA ALA B 76 11.63 -25.66 -9.80
C ALA B 76 10.84 -25.95 -8.52
N VAL B 77 10.35 -24.92 -7.83
CA VAL B 77 9.76 -25.04 -6.47
C VAL B 77 8.45 -24.26 -6.44
N PHE B 78 7.52 -24.68 -5.60
CA PHE B 78 6.16 -24.10 -5.55
C PHE B 78 5.67 -24.18 -4.11
N PRO B 79 6.21 -23.33 -3.21
CA PRO B 79 5.78 -23.27 -1.82
C PRO B 79 4.55 -22.38 -1.62
N PHE B 80 3.47 -22.66 -2.36
CA PHE B 80 2.15 -22.03 -2.18
C PHE B 80 1.07 -23.09 -2.11
N GLN B 81 -0.01 -22.75 -1.40
CA GLN B 81 -1.15 -23.63 -1.10
C GLN B 81 -2.42 -22.80 -1.24
N PRO B 82 -3.45 -23.30 -1.94
CA PRO B 82 -4.74 -22.61 -1.98
C PRO B 82 -5.26 -22.43 -0.55
N GLY B 83 -5.93 -21.32 -0.26
CA GLY B 83 -6.64 -21.10 1.02
C GLY B 83 -5.65 -20.96 2.17
N SER B 84 -4.58 -20.22 1.94
CA SER B 84 -3.50 -20.02 2.94
C SER B 84 -3.01 -18.58 2.84
N VAL B 85 -2.42 -18.10 3.92
CA VAL B 85 -1.63 -16.84 3.91
C VAL B 85 -0.28 -17.14 3.28
N ALA B 86 0.24 -16.25 2.46
CA ALA B 86 1.61 -16.36 1.92
C ALA B 86 2.28 -14.99 1.88
N GLU B 87 3.58 -14.98 2.15
CA GLU B 87 4.39 -13.75 2.13
C GLU B 87 5.51 -13.93 1.11
N VAL B 88 5.80 -12.88 0.35
CA VAL B 88 6.95 -12.82 -0.60
C VAL B 88 7.75 -11.56 -0.26
N CME B 89 9.07 -11.67 -0.30
CA CME B 89 9.96 -10.57 0.03
CB CME B 89 10.73 -10.84 1.30
SG CME B 89 9.67 -11.17 2.72
SD CME B 89 10.64 -12.64 3.69
CE CME B 89 10.11 -14.15 2.83
CZ CME B 89 8.69 -14.57 3.10
OH CME B 89 8.51 -14.85 4.49
C CME B 89 10.87 -10.30 -1.15
O CME B 89 11.52 -11.22 -1.63
N ILE B 90 10.93 -9.05 -1.61
CA ILE B 90 11.63 -8.77 -2.84
C ILE B 90 12.61 -7.62 -2.63
N THR B 91 13.85 -7.78 -3.13
CA THR B 91 14.87 -6.72 -3.14
C THR B 91 15.51 -6.71 -4.53
N PHE B 92 16.28 -5.69 -4.86
CA PHE B 92 16.96 -5.65 -6.17
C PHE B 92 18.26 -4.86 -6.08
N ASP B 93 19.12 -5.11 -7.06
CA ASP B 93 20.30 -4.28 -7.37
C ASP B 93 20.34 -4.09 -8.89
N GLN B 94 21.44 -3.57 -9.42
CA GLN B 94 21.50 -3.27 -10.87
C GLN B 94 21.43 -4.55 -11.72
N ALA B 95 21.85 -5.69 -11.17
CA ALA B 95 21.97 -6.97 -11.92
C ALA B 95 20.68 -7.80 -11.82
N ASN B 96 20.07 -7.90 -10.64
CA ASN B 96 19.01 -8.90 -10.39
C ASN B 96 18.00 -8.38 -9.38
N LEU B 97 16.79 -8.91 -9.47
CA LEU B 97 15.90 -8.95 -8.30
C LEU B 97 16.11 -10.27 -7.59
N THR B 98 16.01 -10.24 -6.26
CA THR B 98 16.04 -11.44 -5.42
C THR B 98 14.66 -11.60 -4.80
N VAL B 99 14.04 -12.75 -5.01
CA VAL B 99 12.68 -13.08 -4.50
C VAL B 99 12.84 -14.16 -3.43
N LYS B 100 12.38 -13.88 -2.23
CA LYS B 100 12.38 -14.86 -1.12
C LYS B 100 10.96 -15.33 -0.90
N LEU B 101 10.75 -16.65 -0.96
CA LEU B 101 9.40 -17.28 -0.96
C LEU B 101 9.02 -17.71 0.45
N PRO B 102 7.74 -18.12 0.66
CA PRO B 102 7.22 -18.39 1.99
C PRO B 102 7.99 -19.42 2.85
N ASP B 103 8.69 -20.35 2.20
CA ASP B 103 9.50 -21.39 2.88
C ASP B 103 10.96 -20.93 2.99
N GLY B 104 11.25 -19.67 2.67
CA GLY B 104 12.63 -19.11 2.72
C GLY B 104 13.44 -19.39 1.46
N TYR B 105 12.92 -20.18 0.49
CA TYR B 105 13.61 -20.42 -0.79
C TYR B 105 13.82 -19.07 -1.51
N GLU B 106 15.02 -18.85 -2.07
CA GLU B 106 15.37 -17.60 -2.77
C GLU B 106 15.74 -17.91 -4.22
N PHE B 107 15.32 -17.07 -5.15
CA PHE B 107 15.81 -17.12 -6.54
C PHE B 107 16.03 -15.70 -7.06
N LYS B 108 16.80 -15.61 -8.14
CA LYS B 108 17.11 -14.32 -8.77
C LYS B 108 16.43 -14.27 -10.14
N PHE B 109 16.03 -13.07 -10.53
CA PHE B 109 15.45 -12.76 -11.85
C PHE B 109 16.24 -11.56 -12.37
N PRO B 110 16.77 -11.59 -13.59
CA PRO B 110 17.61 -10.49 -14.05
C PRO B 110 16.85 -9.16 -14.14
N ASN B 111 17.55 -8.08 -13.78
CA ASN B 111 17.03 -6.69 -13.83
C ASN B 111 17.19 -6.20 -15.26
N ARG B 112 16.22 -6.50 -16.14
CA ARG B 112 16.36 -6.32 -17.60
C ARG B 112 16.15 -4.86 -18.01
N LEU B 113 15.38 -4.09 -17.23
CA LEU B 113 15.05 -2.67 -17.54
C LEU B 113 16.09 -1.74 -16.90
N ASN B 114 16.99 -2.27 -16.07
CA ASN B 114 18.03 -1.47 -15.38
C ASN B 114 17.34 -0.36 -14.59
N LEU B 115 16.24 -0.69 -13.89
CA LEU B 115 15.54 0.27 -13.02
C LEU B 115 16.45 0.58 -11.82
N GLU B 116 16.46 1.85 -11.42
CA GLU B 116 17.23 2.36 -10.27
C GLU B 116 16.25 2.68 -9.13
N ALA B 117 14.94 2.53 -9.37
CA ALA B 117 13.89 2.57 -8.33
C ALA B 117 12.69 1.78 -8.80
N ILE B 118 11.96 1.15 -7.89
CA ILE B 118 10.67 0.51 -8.23
C ILE B 118 9.57 1.45 -7.72
N ASN B 119 8.72 1.97 -8.61
CA ASN B 119 7.69 2.96 -8.21
C ASN B 119 6.28 2.41 -8.27
N TYR B 120 6.09 1.25 -8.88
CA TYR B 120 4.77 0.70 -9.17
C TYR B 120 4.67 -0.75 -8.67
N MET B 121 3.58 -1.06 -7.99
CA MET B 121 3.25 -2.45 -7.60
CA MET B 121 3.25 -2.45 -7.60
C MET B 121 1.77 -2.71 -7.90
N ALA B 122 1.42 -3.91 -8.34
CA ALA B 122 0.02 -4.26 -8.52
C ALA B 122 -0.16 -5.74 -8.20
N ALA B 123 -1.28 -6.09 -7.62
CA ALA B 123 -1.69 -7.49 -7.39
C ALA B 123 -2.85 -7.82 -8.31
N ASP B 124 -2.94 -9.07 -8.73
CA ASP B 124 -4.09 -9.52 -9.53
C ASP B 124 -4.29 -11.01 -9.35
N GLY B 125 -5.46 -11.49 -9.72
CA GLY B 125 -5.79 -12.92 -9.61
C GLY B 125 -6.09 -13.31 -8.18
N ASP B 126 -5.76 -14.56 -7.81
CA ASP B 126 -6.34 -15.27 -6.65
C ASP B 126 -5.53 -14.99 -5.39
N PHE B 127 -5.24 -13.72 -5.11
CA PHE B 127 -4.36 -13.26 -4.01
C PHE B 127 -4.84 -11.89 -3.54
N LYS B 128 -5.24 -11.79 -2.29
CA LYS B 128 -5.71 -10.53 -1.67
C LYS B 128 -4.57 -10.02 -0.78
N ILE B 129 -4.02 -8.86 -1.09
CA ILE B 129 -2.94 -8.24 -0.26
C ILE B 129 -3.53 -7.83 1.09
N LYS B 130 -2.88 -8.26 2.17
CA LYS B 130 -3.28 -7.99 3.57
C LYS B 130 -2.32 -6.99 4.22
N CME B 131 -1.06 -6.95 3.77
N CME B 131 -1.05 -6.98 3.81
CA CME B 131 -0.04 -6.13 4.40
CA CME B 131 -0.13 -5.99 4.32
CB CME B 131 0.45 -6.77 5.66
CB CME B 131 0.15 -6.20 5.78
SG CME B 131 1.36 -5.69 6.80
SG CME B 131 1.06 -7.70 6.21
SD CME B 131 3.29 -6.04 6.44
SD CME B 131 2.24 -7.04 7.71
CE CME B 131 3.27 -7.41 5.27
CE CME B 131 3.91 -7.37 7.07
CZ CME B 131 4.53 -8.20 5.32
CZ CME B 131 3.96 -7.21 5.58
OH CME B 131 4.59 -8.95 6.52
OH CME B 131 3.95 -8.46 4.92
C CME B 131 1.10 -5.88 3.42
C CME B 131 1.13 -5.89 3.48
O CME B 131 1.43 -6.79 2.64
O CME B 131 1.59 -6.87 2.88
N VAL B 132 1.68 -4.67 3.45
CA VAL B 132 2.86 -4.35 2.69
C VAL B 132 3.82 -3.61 3.61
N ALA B 133 5.07 -4.04 3.66
CA ALA B 133 6.12 -3.41 4.49
C ALA B 133 7.30 -2.99 3.62
N PHE B 134 7.87 -1.84 3.98
CA PHE B 134 9.03 -1.20 3.31
C PHE B 134 10.18 -1.20 4.32
N ASP B 135 11.11 -2.13 4.11
CA ASP B 135 12.24 -2.40 5.03
C ASP B 135 11.69 -2.56 6.44
C15 YNO C . -2.67 20.63 2.52
C14 YNO C . -0.70 19.17 1.67
C13 YNO C . -1.97 19.90 1.60
C7 YNO C . -5.70 23.87 3.64
C6 YNO C . -4.48 23.10 3.12
C5 YNO C . -4.89 21.84 2.38
C3 YNO C . -6.94 21.78 3.76
C4 YNO C . -5.73 20.97 3.31
C2 YNO C . -7.84 21.04 4.71
O1 YNO C . -9.01 21.82 4.96
O8 YNO C . -6.52 22.99 4.43
S9 YNO C . -6.61 24.60 2.23
N10 YNO C . -3.73 21.12 1.85
N11 YNO C . -3.69 20.74 0.56
N12 YNO C . -2.62 19.97 0.41
O16 YNO C . -4.98 20.57 4.44
O17 YNO C . -3.78 23.89 2.16
N18 YNO C . 0.03 19.05 2.75
C19 YNO C . 1.12 18.27 2.48
C20 YNO C . 1.25 17.79 1.22
S21 YNO C . -0.07 18.34 0.29
C22 YNO C . -7.95 25.33 3.14
C23 YNO C . -7.84 26.56 3.87
N24 YNO C . -8.84 27.18 4.52
C25 YNO C . -10.02 26.54 4.56
C26 YNO C . -10.22 25.35 3.93
C27 YNO C . -9.22 24.74 3.19
BR28 YNO C . -11.90 24.47 4.08
CL29 YNO C . 2.19 17.95 3.79
C30 YNO C . -3.13 25.04 2.70
C31 YNO C . -6.52 27.15 4.01
N32 YNO C . -5.50 27.63 4.17
C1 GOL D . 6.01 10.00 20.14
O1 GOL D . 7.26 9.44 20.56
C2 GOL D . 4.94 9.91 21.20
O2 GOL D . 4.11 11.08 21.16
C3 GOL D . 4.08 8.66 21.06
O3 GOL D . 3.02 8.63 22.01
C1 GOL E . -4.08 15.97 -1.23
O1 GOL E . -3.57 16.19 0.10
C2 GOL E . -5.44 16.61 -1.47
O2 GOL E . -5.24 17.90 -2.04
C3 GOL E . -6.39 15.84 -2.36
O3 GOL E . -5.78 14.75 -3.07
C1 GOL F . -2.34 22.74 -2.51
O1 GOL F . -1.89 23.00 -3.84
C2 GOL F . -1.56 23.59 -1.51
O2 GOL F . -2.46 24.39 -0.75
C3 GOL F . -0.70 22.76 -0.58
O3 GOL F . -0.36 23.50 0.59
C1 GOL G . -7.32 -5.38 0.31
O1 GOL G . -7.97 -4.25 0.89
C2 GOL G . -6.60 -5.01 -0.97
O2 GOL G . -5.62 -5.99 -1.27
C3 GOL G . -7.53 -4.88 -2.17
O3 GOL G . -7.86 -6.14 -2.73
S SO4 H . 10.64 19.86 6.21
O1 SO4 H . 11.78 19.68 5.35
O2 SO4 H . 9.48 20.16 5.41
O3 SO4 H . 10.89 20.94 7.11
O4 SO4 H . 10.41 18.65 6.95
S SO4 I . 6.95 4.94 0.58
O1 SO4 I . 7.66 5.62 -0.48
O2 SO4 I . 6.72 3.57 0.22
O3 SO4 I . 5.68 5.60 0.79
O4 SO4 I . 7.72 4.99 1.79
C15 YNO J . -1.19 -13.32 -16.97
C14 YNO J . -2.97 -12.45 -15.36
C13 YNO J . -2.12 -12.43 -16.52
C7 YNO J . 1.13 -15.13 -20.46
C6 YNO J . 0.04 -14.66 -19.50
C5 YNO J . 0.34 -13.26 -18.98
C3 YNO J . 2.74 -13.74 -19.32
C4 YNO J . 1.70 -13.28 -18.30
C2 YNO J . 4.13 -13.86 -18.72
O1 YNO J . 5.12 -14.17 -19.69
O8 YNO J . 2.40 -15.05 -19.84
S9 YNO J . 1.09 -14.19 -22.04
N10 YNO J . -0.73 -12.79 -18.11
N11 YNO J . -1.35 -11.63 -18.38
N12 YNO J . -2.21 -11.40 -17.41
O16 YNO J . 1.68 -14.13 -17.15
O17 YNO J . -1.21 -14.57 -20.16
N18 YNO J . -3.07 -13.45 -14.54
C19 YNO J . -3.96 -13.09 -13.56
C20 YNO J . -4.53 -11.91 -13.60
S21 YNO J . -3.94 -11.07 -14.97
C22 YNO J . 2.45 -14.97 -22.85
C23 YNO J . 2.29 -16.22 -23.50
N24 YNO J . 3.28 -16.87 -24.15
C25 YNO J . 4.51 -16.33 -24.11
C26 YNO J . 4.76 -15.12 -23.48
C27 YNO J . 3.73 -14.43 -22.85
BR28 YNO J . 6.51 -14.39 -23.49
CL29 YNO J . -4.27 -14.30 -12.38
C30 YNO J . -1.73 -15.81 -20.67
C31 YNO J . 1.02 -16.90 -23.43
N32 YNO J . 0.00 -17.42 -23.41
C1 GOL K . -0.47 -8.53 -16.28
O1 GOL K . -0.50 -8.87 -14.89
C2 GOL K . 0.23 -7.21 -16.52
O2 GOL K . 0.51 -7.09 -17.90
C3 GOL K . -0.55 -6.00 -16.06
O3 GOL K . 0.21 -4.79 -16.15
#